data_3MV5
#
_entry.id   3MV5
#
_cell.length_a   42.706
_cell.length_b   55.417
_cell.length_c   93.287
_cell.angle_alpha   90.000
_cell.angle_beta   104.000
_cell.angle_gamma   90.000
#
_symmetry.space_group_name_H-M   'P 1 21 1'
#
loop_
_entity.id
_entity.type
_entity.pdbx_description
1 polymer 'v-akt murine thymoma viral oncogene homolog 1 (AKT1)'
2 polymer 'GSK3-beta peptide'
3 non-polymer 'MANGANESE (II) ION'
4 non-polymer (3R)-1-(5-methyl-7H-pyrrolo[2,3-d]pyrimidin-4-yl)pyrrolidin-3-amine
5 water water
#
loop_
_entity_poly.entity_id
_entity_poly.type
_entity_poly.pdbx_seq_one_letter_code
_entity_poly.pdbx_strand_id
1 'polypeptide(L)'
;GAMDPRVTMNEFEYLKLLGKGTFGKVILVKEKATGRYYAMKILKKEVIVAKDEVAHTLTENRVLQNSRHPFLTALKYSFQ
THDRLCFVMEYANGGELFFHLSRERVFSEDRARFYGAEIVSALDYLHSEKNVVYRDLKLENLMLDKDGHIKITDFGLCKE
GIKDGATMK(TPO)FCGTPEYLAPEVLEDNDYGRAVDWWGLGVVMYEMMCGRLPFYNQDHEKLFELILMEEIRFPRTLGP
EAKSLLSGLLKKDPKQRLGGGSEDAKEIMQHRFFAGIVWQHVYEKKLSPPFKPQVTSETDTRYFDEEFTAQMITITPPDQ
DDSMECVDSERRPHFPQFDYSASSTA
;
A
2 'polypeptide(L)' GRPRTTSFAE C
#
# COMPACT_ATOMS: atom_id res chain seq x y z
N ARG A 6 1.96 -24.27 -14.56
CA ARG A 6 1.02 -24.91 -15.56
C ARG A 6 -0.37 -24.19 -15.74
N VAL A 7 -0.37 -22.85 -15.67
CA VAL A 7 -1.62 -22.10 -15.44
C VAL A 7 -2.00 -21.12 -16.57
N THR A 8 -3.28 -21.13 -16.96
CA THR A 8 -3.85 -20.21 -17.95
C THR A 8 -5.11 -19.51 -17.41
N MET A 9 -5.71 -18.69 -18.27
CA MET A 9 -6.93 -17.93 -17.99
C MET A 9 -8.09 -18.86 -17.78
N ASN A 10 -7.90 -20.07 -18.28
CA ASN A 10 -8.97 -21.04 -18.29
C ASN A 10 -9.01 -21.81 -16.98
N GLU A 11 -7.95 -21.76 -16.17
CA GLU A 11 -7.94 -22.45 -14.86
C GLU A 11 -8.78 -21.80 -13.74
N PHE A 12 -9.47 -20.69 -14.02
CA PHE A 12 -10.20 -19.91 -12.99
C PHE A 12 -11.66 -19.53 -13.38
N GLU A 13 -12.55 -19.29 -12.41
CA GLU A 13 -13.85 -18.63 -12.65
C GLU A 13 -13.74 -17.17 -12.31
N TYR A 14 -14.24 -16.30 -13.20
CA TYR A 14 -14.35 -14.86 -12.97
C TYR A 14 -15.69 -14.48 -12.32
N LEU A 15 -15.64 -13.93 -11.10
CA LEU A 15 -16.84 -13.65 -10.34
C LEU A 15 -17.23 -12.14 -10.29
N LYS A 16 -16.48 -11.28 -9.60
CA LYS A 16 -16.87 -9.84 -9.50
C LYS A 16 -15.74 -8.87 -9.93
N LEU A 17 -16.07 -7.69 -10.43
CA LEU A 17 -15.02 -6.67 -10.57
C LEU A 17 -14.73 -6.05 -9.18
N LEU A 18 -13.45 -5.88 -8.85
CA LEU A 18 -13.00 -5.34 -7.54
C LEU A 18 -12.34 -3.94 -7.66
N GLY A 19 -11.51 -3.79 -8.66
CA GLY A 19 -10.94 -2.51 -8.93
C GLY A 19 -10.67 -2.43 -10.40
N LYS A 20 -10.51 -1.20 -10.86
CA LYS A 20 -10.18 -0.90 -12.25
C LYS A 20 -9.39 0.40 -12.35
N GLY A 21 -8.07 0.31 -12.54
CA GLY A 21 -7.26 1.45 -13.01
C GLY A 21 -7.29 1.59 -14.53
N THR A 22 -6.54 2.52 -15.10
CA THR A 22 -6.45 2.47 -16.56
C THR A 22 -5.46 1.39 -17.08
N PHE A 23 -4.42 1.05 -16.30
CA PHE A 23 -3.51 -0.03 -16.76
C PHE A 23 -4.17 -1.42 -16.75
N GLY A 24 -5.11 -1.66 -15.84
CA GLY A 24 -5.76 -2.97 -15.75
C GLY A 24 -7.05 -3.07 -14.95
N LYS A 25 -7.33 -4.29 -14.48
CA LYS A 25 -8.50 -4.58 -13.65
C LYS A 25 -8.11 -5.59 -12.55
N VAL A 26 -8.84 -5.64 -11.42
CA VAL A 26 -8.61 -6.69 -10.42
C VAL A 26 -9.94 -7.35 -10.20
N ILE A 27 -9.99 -8.68 -10.38
CA ILE A 27 -11.25 -9.46 -10.31
C ILE A 27 -11.19 -10.59 -9.24
N LEU A 28 -12.28 -10.81 -8.49
CA LEU A 28 -12.33 -11.95 -7.55
C LEU A 28 -12.42 -13.31 -8.33
N VAL A 29 -11.41 -14.20 -8.23
CA VAL A 29 -11.43 -15.48 -8.98
C VAL A 29 -11.56 -16.78 -8.13
N LYS A 30 -12.05 -17.85 -8.76
CA LYS A 30 -11.93 -19.16 -8.15
C LYS A 30 -10.99 -20.08 -8.96
N GLU A 31 -10.15 -20.81 -8.27
CA GLU A 31 -9.39 -21.86 -8.91
C GLU A 31 -10.18 -23.17 -8.93
N LYS A 32 -10.68 -23.53 -10.14
CA LYS A 32 -11.37 -24.77 -10.45
C LYS A 32 -10.75 -25.93 -9.68
N ALA A 33 -9.46 -26.16 -9.93
CA ALA A 33 -8.74 -27.28 -9.41
C ALA A 33 -8.59 -27.38 -7.87
N THR A 34 -8.66 -26.26 -7.13
CA THR A 34 -8.50 -26.30 -5.64
C THR A 34 -9.70 -25.87 -4.84
N GLY A 35 -10.62 -25.15 -5.47
CA GLY A 35 -11.74 -24.53 -4.77
C GLY A 35 -11.50 -23.16 -4.14
N ARG A 36 -10.26 -22.64 -4.16
CA ARG A 36 -9.89 -21.40 -3.44
C ARG A 36 -10.10 -20.13 -4.19
N TYR A 37 -10.37 -19.05 -3.46
CA TYR A 37 -10.62 -17.73 -4.06
C TYR A 37 -9.38 -16.88 -4.01
N TYR A 38 -9.23 -16.03 -5.00
CA TYR A 38 -8.00 -15.24 -5.15
C TYR A 38 -8.39 -13.92 -5.77
N ALA A 39 -7.48 -12.95 -5.75
CA ALA A 39 -7.66 -11.69 -6.46
C ALA A 39 -6.74 -11.71 -7.69
N MET A 40 -7.28 -11.55 -8.89
CA MET A 40 -6.46 -11.55 -10.07
C MET A 40 -6.37 -10.20 -10.73
N LYS A 41 -5.14 -9.67 -10.79
CA LYS A 41 -4.82 -8.43 -11.48
C LYS A 41 -4.49 -8.81 -12.91
N ILE A 42 -5.23 -8.25 -13.87
CA ILE A 42 -5.13 -8.57 -15.29
C ILE A 42 -4.66 -7.31 -16.02
N LEU A 43 -3.45 -7.34 -16.59
CA LEU A 43 -3.00 -6.19 -17.44
C LEU A 43 -3.00 -6.54 -18.94
N LYS A 44 -3.53 -5.64 -19.76
CA LYS A 44 -3.43 -5.84 -21.22
C LYS A 44 -1.99 -5.47 -21.65
N LYS A 45 -1.29 -6.42 -22.28
CA LYS A 45 0.16 -6.32 -22.59
C LYS A 45 0.52 -5.07 -23.37
N GLU A 46 -0.39 -4.67 -24.26
CA GLU A 46 -0.12 -3.62 -25.20
C GLU A 46 -0.35 -2.25 -24.56
N VAL A 47 -1.37 -2.16 -23.70
CA VAL A 47 -1.63 -0.99 -22.82
C VAL A 47 -0.41 -0.67 -21.92
N ILE A 48 0.28 -1.73 -21.47
CA ILE A 48 1.45 -1.66 -20.60
C ILE A 48 2.63 -1.20 -21.37
N VAL A 49 2.80 -1.73 -22.61
CA VAL A 49 3.92 -1.31 -23.51
C VAL A 49 3.74 0.16 -23.93
N ALA A 50 2.52 0.46 -24.36
CA ALA A 50 2.05 1.77 -24.85
C ALA A 50 2.12 2.91 -23.81
N LYS A 51 1.58 2.68 -22.62
CA LYS A 51 1.62 3.67 -21.54
C LYS A 51 2.88 3.52 -20.67
N ASP A 52 3.81 2.66 -21.12
CA ASP A 52 5.19 2.67 -20.65
C ASP A 52 5.46 1.91 -19.33
N GLU A 53 4.60 0.96 -19.03
CA GLU A 53 4.57 0.38 -17.68
C GLU A 53 5.39 -0.89 -17.58
N VAL A 54 6.33 -1.11 -18.52
CA VAL A 54 7.01 -2.42 -18.52
C VAL A 54 7.87 -2.60 -17.26
N ALA A 55 8.86 -1.73 -17.11
CA ALA A 55 9.70 -1.66 -15.88
C ALA A 55 8.88 -1.83 -14.57
N HIS A 56 7.76 -1.12 -14.47
CA HIS A 56 6.94 -1.20 -13.26
C HIS A 56 6.44 -2.59 -13.02
N THR A 57 5.92 -3.20 -14.09
CA THR A 57 5.38 -4.55 -14.06
C THR A 57 6.45 -5.59 -13.64
N LEU A 58 7.67 -5.49 -14.16
CA LEU A 58 8.68 -6.44 -13.65
C LEU A 58 8.91 -6.24 -12.13
N THR A 59 8.87 -4.98 -11.67
CA THR A 59 9.20 -4.63 -10.29
C THR A 59 8.18 -5.24 -9.35
N GLU A 60 6.92 -5.16 -9.72
CA GLU A 60 5.87 -5.82 -8.98
C GLU A 60 6.01 -7.35 -8.91
N ASN A 61 6.31 -7.96 -10.05
CA ASN A 61 6.52 -9.37 -10.12
C ASN A 61 7.72 -9.86 -9.24
N ARG A 62 8.93 -9.28 -9.38
CA ARG A 62 10.05 -9.69 -8.50
C ARG A 62 9.74 -9.30 -7.05
N VAL A 63 9.14 -8.16 -6.81
CA VAL A 63 8.90 -7.87 -5.39
C VAL A 63 7.83 -8.79 -4.74
N LEU A 64 6.78 -9.16 -5.49
CA LEU A 64 5.84 -10.12 -4.97
C LEU A 64 6.50 -11.50 -4.76
N GLN A 65 7.28 -12.00 -5.71
CA GLN A 65 7.91 -13.34 -5.52
C GLN A 65 8.92 -13.45 -4.40
N ASN A 66 9.69 -12.38 -4.12
CA ASN A 66 10.78 -12.52 -3.16
C ASN A 66 10.40 -12.06 -1.73
N SER A 67 9.10 -11.82 -1.49
CA SER A 67 8.59 -11.30 -0.22
C SER A 67 7.84 -12.32 0.54
N ARG A 68 8.17 -12.58 1.81
CA ARG A 68 7.31 -13.45 2.61
C ARG A 68 7.09 -12.78 3.91
N HIS A 69 5.91 -12.22 4.10
CA HIS A 69 5.62 -11.46 5.30
C HIS A 69 4.13 -11.39 5.46
N PRO A 70 3.64 -11.42 6.71
CA PRO A 70 2.19 -11.64 6.88
C PRO A 70 1.31 -10.43 6.56
N PHE A 71 1.92 -9.24 6.43
CA PHE A 71 1.20 -8.04 6.08
C PHE A 71 1.53 -7.64 4.70
N LEU A 72 2.10 -8.56 3.92
CA LEU A 72 2.24 -8.35 2.46
C LEU A 72 1.47 -9.41 1.67
N THR A 73 0.59 -8.95 0.78
CA THR A 73 -0.09 -9.73 -0.22
C THR A 73 0.86 -10.84 -0.78
N ALA A 74 0.52 -12.11 -0.49
CA ALA A 74 1.33 -13.17 -1.09
C ALA A 74 0.84 -13.40 -2.53
N LEU A 75 1.79 -13.66 -3.44
CA LEU A 75 1.57 -14.18 -4.80
C LEU A 75 1.57 -15.75 -4.88
N LYS A 76 0.56 -16.31 -5.54
CA LYS A 76 0.51 -17.75 -5.82
C LYS A 76 0.97 -18.07 -7.29
N TYR A 77 0.43 -17.39 -8.29
CA TYR A 77 0.93 -17.51 -9.65
C TYR A 77 1.03 -16.20 -10.38
N SER A 78 1.98 -16.15 -11.31
CA SER A 78 1.96 -15.22 -12.43
C SER A 78 2.09 -16.05 -13.68
N PHE A 79 1.33 -15.65 -14.70
CA PHE A 79 1.35 -16.36 -15.94
C PHE A 79 0.93 -15.37 -17.01
N GLN A 80 1.22 -15.65 -18.27
CA GLN A 80 0.88 -14.73 -19.33
C GLN A 80 0.08 -15.35 -20.49
N THR A 81 -0.63 -14.53 -21.25
CA THR A 81 -1.15 -15.03 -22.49
C THR A 81 -0.53 -14.29 -23.72
N HIS A 82 -0.96 -14.63 -24.94
CA HIS A 82 -0.74 -13.77 -26.12
C HIS A 82 -0.96 -12.29 -25.77
N ASP A 83 -2.05 -11.98 -25.07
CA ASP A 83 -2.41 -10.56 -24.77
C ASP A 83 -2.48 -10.08 -23.31
N ARG A 84 -2.38 -10.99 -22.33
CA ARG A 84 -2.51 -10.54 -20.91
C ARG A 84 -1.31 -10.89 -20.03
N LEU A 85 -1.13 -10.07 -18.99
CA LEU A 85 -0.27 -10.47 -17.86
C LEU A 85 -1.14 -10.59 -16.64
N CYS A 86 -1.04 -11.70 -15.92
CA CYS A 86 -1.88 -11.90 -14.74
C CYS A 86 -1.07 -12.26 -13.54
N PHE A 87 -1.41 -11.62 -12.41
CA PHE A 87 -0.98 -11.94 -11.08
C PHE A 87 -2.16 -12.50 -10.34
N VAL A 88 -1.96 -13.68 -9.74
CA VAL A 88 -3.00 -14.31 -8.92
C VAL A 88 -2.51 -14.23 -7.51
N MET A 89 -3.20 -13.47 -6.66
CA MET A 89 -2.70 -13.12 -5.33
C MET A 89 -3.74 -13.41 -4.28
N GLU A 90 -3.37 -13.28 -2.99
CA GLU A 90 -4.30 -13.50 -1.86
C GLU A 90 -5.45 -12.54 -1.96
N TYR A 91 -6.64 -12.97 -1.63
CA TYR A 91 -7.76 -12.07 -1.76
C TYR A 91 -7.91 -11.42 -0.37
N ALA A 92 -7.90 -10.06 -0.36
CA ALA A 92 -8.09 -9.26 0.85
C ALA A 92 -9.57 -8.89 0.90
N ASN A 93 -10.31 -9.67 1.68
CA ASN A 93 -11.78 -9.61 1.73
C ASN A 93 -12.37 -8.38 2.42
N GLY A 94 -11.59 -7.71 3.27
CA GLY A 94 -12.04 -6.52 3.99
C GLY A 94 -11.88 -5.23 3.18
N GLY A 95 -11.37 -5.30 1.94
CA GLY A 95 -11.32 -4.15 1.06
C GLY A 95 -10.39 -3.05 1.57
N GLU A 96 -10.36 -1.92 0.85
CA GLU A 96 -9.38 -0.87 1.10
C GLU A 96 -9.62 -0.19 2.42
N LEU A 97 -8.54 0.31 3.05
CA LEU A 97 -8.69 1.29 4.15
C LEU A 97 -9.45 2.55 3.68
N PHE A 98 -9.21 2.89 2.43
CA PHE A 98 -9.79 4.05 1.90
C PHE A 98 -11.31 3.91 2.08
N PHE A 99 -11.83 2.72 1.82
CA PHE A 99 -13.26 2.43 1.95
C PHE A 99 -13.69 2.70 3.38
N HIS A 100 -13.02 2.06 4.35
CA HIS A 100 -13.46 2.22 5.78
C HIS A 100 -13.35 3.64 6.31
N LEU A 101 -12.21 4.28 6.16
CA LEU A 101 -12.04 5.67 6.57
C LEU A 101 -13.06 6.65 5.89
N SER A 102 -13.45 6.39 4.62
CA SER A 102 -14.56 7.10 3.96
C SER A 102 -15.91 7.00 4.69
N ARG A 103 -16.28 5.80 5.12
CA ARG A 103 -17.48 5.67 5.94
C ARG A 103 -17.31 6.26 7.39
N GLU A 104 -16.28 5.85 8.15
CA GLU A 104 -16.22 6.19 9.56
C GLU A 104 -15.71 7.62 9.89
N ARG A 105 -15.11 8.30 8.90
CA ARG A 105 -14.49 9.65 8.98
C ARG A 105 -13.07 9.71 9.63
N VAL A 106 -12.92 9.15 10.84
CA VAL A 106 -11.67 9.05 11.55
C VAL A 106 -11.70 7.70 12.27
N PHE A 107 -10.53 7.16 12.58
CA PHE A 107 -10.39 5.95 13.35
C PHE A 107 -10.04 6.38 14.76
N SER A 108 -10.26 5.53 15.77
CA SER A 108 -9.77 5.86 17.15
C SER A 108 -8.23 5.81 17.17
N GLU A 109 -7.56 6.38 18.19
CA GLU A 109 -6.08 6.14 18.30
C GLU A 109 -5.66 4.68 18.33
N ASP A 110 -6.42 3.84 19.03
CA ASP A 110 -6.02 2.40 19.15
C ASP A 110 -6.04 1.68 17.83
N ARG A 111 -7.13 1.83 17.10
CA ARG A 111 -7.29 1.29 15.77
C ARG A 111 -6.20 1.84 14.85
N ALA A 112 -5.92 3.14 14.85
CA ALA A 112 -4.85 3.68 13.97
C ALA A 112 -3.50 3.19 14.47
N ARG A 113 -3.37 3.02 15.79
CA ARG A 113 -2.13 2.45 16.34
C ARG A 113 -1.86 1.04 15.76
N PHE A 114 -2.92 0.25 15.74
CA PHE A 114 -2.82 -1.14 15.32
C PHE A 114 -2.38 -1.25 13.86
N TYR A 115 -3.05 -0.50 12.97
CA TYR A 115 -2.71 -0.54 11.56
C TYR A 115 -1.31 -0.05 11.35
N GLY A 116 -0.93 1.00 12.08
CA GLY A 116 0.42 1.60 11.95
C GLY A 116 1.52 0.65 12.38
N ALA A 117 1.30 -0.03 13.51
CA ALA A 117 2.13 -1.20 13.90
C ALA A 117 2.40 -2.15 12.74
N GLU A 118 1.33 -2.62 12.08
CA GLU A 118 1.51 -3.66 11.06
C GLU A 118 2.20 -3.05 9.86
N ILE A 119 1.72 -1.90 9.42
CA ILE A 119 2.41 -1.21 8.35
C ILE A 119 3.90 -1.12 8.68
N VAL A 120 4.30 -0.72 9.91
CA VAL A 120 5.71 -0.45 10.20
C VAL A 120 6.41 -1.78 10.13
N SER A 121 5.76 -2.86 10.62
CA SER A 121 6.36 -4.20 10.60
C SER A 121 6.67 -4.57 9.19
N ALA A 122 5.71 -4.37 8.27
CA ALA A 122 5.94 -4.74 6.87
C ALA A 122 7.03 -3.92 6.23
N LEU A 123 7.16 -2.65 6.62
CA LEU A 123 8.10 -1.78 5.85
C LEU A 123 9.47 -1.99 6.37
N ASP A 124 9.55 -2.25 7.66
CA ASP A 124 10.81 -2.63 8.24
C ASP A 124 11.38 -3.82 7.47
N TYR A 125 10.53 -4.82 7.21
CA TYR A 125 10.95 -6.01 6.52
C TYR A 125 11.35 -5.64 5.10
N LEU A 126 10.52 -4.94 4.34
CA LEU A 126 10.96 -4.55 2.99
C LEU A 126 12.30 -3.82 2.99
N HIS A 127 12.51 -2.94 3.97
CA HIS A 127 13.73 -2.16 3.98
C HIS A 127 14.91 -3.09 4.33
N SER A 128 14.78 -3.85 5.41
CA SER A 128 15.93 -4.51 6.04
C SER A 128 16.20 -5.82 5.37
N GLU A 129 15.17 -6.45 4.84
CA GLU A 129 15.35 -7.81 4.32
C GLU A 129 15.33 -7.99 2.83
N LYS A 130 14.64 -7.11 2.14
CA LYS A 130 14.51 -7.21 0.72
C LYS A 130 15.18 -6.01 0.12
N ASN A 131 15.64 -5.07 0.96
CA ASN A 131 16.33 -3.89 0.42
C ASN A 131 15.42 -3.13 -0.58
N VAL A 132 14.15 -3.00 -0.22
CA VAL A 132 13.17 -2.33 -1.09
C VAL A 132 12.49 -1.19 -0.34
N VAL A 133 12.29 -0.07 -1.05
CA VAL A 133 11.52 1.10 -0.60
C VAL A 133 10.23 1.08 -1.38
N TYR A 134 9.11 1.22 -0.68
CA TYR A 134 7.81 0.93 -1.29
C TYR A 134 7.25 2.08 -2.15
N ARG A 135 7.49 3.31 -1.68
CA ARG A 135 7.23 4.59 -2.40
C ARG A 135 5.84 5.10 -2.55
N ASP A 136 4.80 4.27 -2.45
CA ASP A 136 3.44 4.69 -2.80
C ASP A 136 2.41 4.30 -1.74
N LEU A 137 2.78 4.46 -0.46
CA LEU A 137 1.89 4.20 0.63
C LEU A 137 0.78 5.23 0.60
N LYS A 138 -0.44 4.75 0.75
CA LYS A 138 -1.65 5.61 0.72
C LYS A 138 -2.76 4.66 1.09
N LEU A 139 -3.92 5.24 1.41
CA LEU A 139 -5.08 4.50 1.85
C LEU A 139 -5.59 3.44 0.88
N GLU A 140 -5.44 3.68 -0.42
CA GLU A 140 -5.89 2.80 -1.50
C GLU A 140 -5.06 1.52 -1.60
N ASN A 141 -3.80 1.61 -1.16
CA ASN A 141 -2.88 0.47 -1.24
C ASN A 141 -2.85 -0.30 0.07
N LEU A 142 -3.85 -0.06 0.92
CA LEU A 142 -3.87 -0.64 2.26
C LEU A 142 -5.17 -1.29 2.44
N MET A 143 -5.18 -2.61 2.49
CA MET A 143 -6.39 -3.41 2.62
C MET A 143 -6.34 -4.22 3.85
N LEU A 144 -7.47 -4.79 4.21
CA LEU A 144 -7.55 -5.80 5.28
C LEU A 144 -7.91 -7.19 4.76
N ASP A 145 -7.39 -8.26 5.37
CA ASP A 145 -7.94 -9.62 5.17
C ASP A 145 -9.15 -10.01 6.04
N LYS A 146 -9.61 -11.26 5.89
CA LYS A 146 -10.80 -11.72 6.59
C LYS A 146 -10.66 -11.55 8.09
N ASP A 147 -9.43 -11.58 8.61
CA ASP A 147 -9.35 -11.43 10.07
C ASP A 147 -9.24 -9.95 10.56
N GLY A 148 -8.95 -9.02 9.63
CA GLY A 148 -8.82 -7.56 9.92
C GLY A 148 -7.38 -7.03 10.05
N HIS A 149 -6.47 -7.84 9.52
CA HIS A 149 -5.05 -7.60 9.46
C HIS A 149 -4.72 -6.90 8.14
N ILE A 150 -3.79 -5.93 8.20
CA ILE A 150 -3.35 -5.21 7.04
C ILE A 150 -2.74 -6.15 5.98
N LYS A 151 -3.06 -5.85 4.72
CA LYS A 151 -2.34 -6.37 3.61
C LYS A 151 -1.91 -5.18 2.80
N ILE A 152 -0.64 -5.08 2.46
CA ILE A 152 -0.27 -4.08 1.46
C ILE A 152 -0.41 -4.63 0.03
N THR A 153 -1.16 -3.95 -0.84
CA THR A 153 -1.25 -4.34 -2.26
C THR A 153 -0.55 -3.30 -3.21
N ASP A 154 -0.47 -3.62 -4.50
CA ASP A 154 0.16 -2.82 -5.57
C ASP A 154 1.61 -2.46 -5.31
N PHE A 155 2.53 -3.13 -6.05
CA PHE A 155 3.99 -3.04 -5.80
C PHE A 155 4.84 -2.43 -6.94
N GLY A 156 4.17 -1.90 -7.96
CA GLY A 156 4.80 -1.46 -9.17
C GLY A 156 5.69 -0.24 -9.01
N LEU A 157 5.48 0.57 -7.97
CA LEU A 157 6.36 1.75 -7.72
C LEU A 157 7.55 1.56 -6.77
N CYS A 158 7.81 0.31 -6.33
CA CYS A 158 9.00 0.06 -5.48
C CYS A 158 10.32 0.36 -6.16
N LYS A 159 11.26 0.79 -5.36
CA LYS A 159 12.60 0.77 -5.77
C LYS A 159 13.22 -0.50 -5.18
N GLU A 160 13.87 -1.25 -6.08
CA GLU A 160 14.67 -2.42 -5.72
C GLU A 160 16.14 -2.09 -5.41
N GLY A 161 16.86 -3.03 -4.77
CA GLY A 161 18.31 -2.89 -4.56
C GLY A 161 18.74 -1.69 -3.75
N ILE A 162 17.81 -1.04 -3.08
CA ILE A 162 18.16 0.08 -2.17
C ILE A 162 18.48 -0.48 -0.81
N LYS A 163 19.65 -0.10 -0.31
CA LYS A 163 20.30 -0.74 0.82
C LYS A 163 20.81 0.39 1.68
N ASP A 164 20.48 0.36 2.97
CA ASP A 164 20.89 1.43 3.92
C ASP A 164 20.39 2.79 3.38
N GLY A 165 21.14 3.88 3.61
CA GLY A 165 20.79 5.22 3.15
C GLY A 165 21.08 5.50 1.68
N ALA A 166 21.27 4.46 0.86
CA ALA A 166 21.53 4.68 -0.58
C ALA A 166 20.39 5.58 -1.18
N THR A 167 20.74 6.51 -2.12
CA THR A 167 19.77 7.50 -2.68
C THR A 167 19.30 7.15 -4.13
N MET A 168 18.25 7.86 -4.60
CA MET A 168 17.44 7.55 -5.80
C MET A 168 16.67 8.82 -6.31
N LYS A 169 16.07 8.78 -7.50
CA LYS A 169 15.72 10.04 -8.25
C LYS A 169 14.31 10.08 -8.88
N PHE A 171 10.89 10.60 -10.02
CA PHE A 171 9.71 11.36 -9.62
C PHE A 171 8.43 10.47 -9.70
N CYS A 172 7.96 9.94 -8.56
CA CYS A 172 6.80 9.03 -8.62
C CYS A 172 6.12 8.83 -7.28
N GLY A 173 4.93 8.23 -7.31
CA GLY A 173 4.08 8.03 -6.16
C GLY A 173 2.71 8.58 -6.44
N THR A 174 2.16 9.26 -5.45
CA THR A 174 0.83 9.84 -5.58
C THR A 174 0.87 11.28 -5.08
N PRO A 175 0.40 12.22 -5.92
CA PRO A 175 0.63 13.64 -5.65
C PRO A 175 0.30 14.07 -4.20
N GLU A 176 -0.77 13.52 -3.66
CA GLU A 176 -1.16 13.95 -2.33
C GLU A 176 -0.18 13.46 -1.25
N TYR A 177 0.69 12.50 -1.59
CA TYR A 177 1.54 11.80 -0.62
C TYR A 177 3.03 12.06 -0.79
N LEU A 178 3.42 12.80 -1.80
CA LEU A 178 4.84 13.04 -2.08
C LEU A 178 5.52 13.84 -0.98
N ALA A 179 6.74 13.41 -0.63
CA ALA A 179 7.56 13.95 0.43
C ALA A 179 8.32 15.21 -0.06
N PRO A 180 8.55 16.18 0.87
CA PRO A 180 9.15 17.40 0.40
C PRO A 180 10.33 17.13 -0.51
N GLU A 181 11.18 16.15 -0.11
CA GLU A 181 12.52 16.03 -0.70
C GLU A 181 12.28 15.46 -2.07
N VAL A 182 11.08 14.91 -2.35
CA VAL A 182 10.78 14.42 -3.71
C VAL A 182 10.31 15.63 -4.58
N LEU A 183 9.53 16.54 -3.96
CA LEU A 183 9.06 17.75 -4.60
C LEU A 183 10.22 18.72 -4.90
N GLU A 184 11.24 18.64 -4.03
CA GLU A 184 12.40 19.57 -4.01
C GLU A 184 13.27 19.21 -5.17
N ASP A 185 12.94 18.08 -5.79
CA ASP A 185 13.77 17.51 -6.86
C ASP A 185 15.16 17.03 -6.41
N ASN A 186 15.26 16.67 -5.12
CA ASN A 186 16.45 16.03 -4.56
C ASN A 186 16.54 14.51 -4.66
N ASP A 187 17.76 14.00 -4.55
CA ASP A 187 17.98 12.56 -4.38
C ASP A 187 17.32 12.19 -3.02
N TYR A 188 16.70 11.01 -2.91
CA TYR A 188 16.01 10.69 -1.66
C TYR A 188 16.23 9.24 -1.26
N GLY A 189 15.84 8.93 -0.04
CA GLY A 189 16.14 7.58 0.46
C GLY A 189 14.93 6.99 1.07
N ARG A 190 15.06 5.83 1.69
CA ARG A 190 13.86 5.12 2.19
C ARG A 190 12.97 5.89 3.20
N ALA A 191 13.51 6.94 3.86
CA ALA A 191 12.66 7.82 4.69
C ALA A 191 11.42 8.37 4.00
N VAL A 192 11.34 8.39 2.68
CA VAL A 192 10.06 8.74 1.99
C VAL A 192 8.96 7.90 2.53
N ASP A 193 9.24 6.60 2.79
CA ASP A 193 8.18 5.67 3.29
C ASP A 193 7.76 6.11 4.66
N TRP A 194 8.62 6.77 5.44
CA TRP A 194 8.12 7.25 6.76
C TRP A 194 7.26 8.52 6.62
N TRP A 195 7.60 9.39 5.66
CA TRP A 195 6.71 10.47 5.29
C TRP A 195 5.30 9.87 5.00
N GLY A 196 5.22 8.88 4.08
CA GLY A 196 3.94 8.31 3.58
C GLY A 196 3.20 7.70 4.75
N LEU A 197 3.95 7.17 5.69
CA LEU A 197 3.30 6.57 6.85
C LEU A 197 2.74 7.66 7.74
N GLY A 198 3.42 8.79 7.75
CA GLY A 198 2.89 9.94 8.48
C GLY A 198 1.57 10.37 7.88
N VAL A 199 1.49 10.43 6.53
CA VAL A 199 0.33 11.06 5.89
C VAL A 199 -0.86 10.15 6.17
N VAL A 200 -0.60 8.84 6.17
CA VAL A 200 -1.70 7.85 6.42
C VAL A 200 -2.20 7.85 7.85
N MET A 201 -1.29 7.73 8.83
CA MET A 201 -1.60 7.95 10.23
C MET A 201 -2.36 9.26 10.45
N TYR A 202 -1.92 10.31 9.76
CA TYR A 202 -2.58 11.66 9.84
C TYR A 202 -3.97 11.47 9.40
N GLU A 203 -4.21 10.90 8.22
CA GLU A 203 -5.61 10.74 7.72
C GLU A 203 -6.44 9.87 8.64
N MET A 204 -5.89 8.76 9.15
CA MET A 204 -6.63 7.89 10.07
C MET A 204 -7.08 8.63 11.32
N MET A 205 -6.18 9.37 11.89
CA MET A 205 -6.54 9.94 13.17
C MET A 205 -7.13 11.30 12.96
N CYS A 206 -6.78 11.98 11.85
CA CYS A 206 -7.40 13.33 11.65
C CYS A 206 -8.64 13.42 10.76
N GLY A 207 -8.80 12.49 9.82
CA GLY A 207 -9.96 12.45 8.98
C GLY A 207 -9.73 13.33 7.75
N ARG A 208 -8.50 13.78 7.55
CA ARG A 208 -8.18 14.41 6.26
C ARG A 208 -6.68 14.40 6.00
N LEU A 209 -6.33 14.76 4.77
CA LEU A 209 -4.97 14.86 4.38
C LEU A 209 -4.36 16.04 5.09
N PRO A 210 -3.06 15.92 5.41
CA PRO A 210 -2.37 17.00 6.08
C PRO A 210 -2.20 18.27 5.23
N PHE A 211 -2.26 18.14 3.91
CA PHE A 211 -2.09 19.20 2.94
C PHE A 211 -3.04 18.84 1.84
N TYR A 212 -3.99 19.74 1.55
CA TYR A 212 -5.03 19.62 0.50
C TYR A 212 -5.20 20.86 -0.42
N ASN A 213 -5.23 20.59 -1.73
CA ASN A 213 -5.72 21.49 -2.72
C ASN A 213 -5.95 20.62 -3.93
N GLN A 214 -7.00 20.88 -4.70
CA GLN A 214 -7.27 20.01 -5.88
C GLN A 214 -6.19 20.17 -6.95
N ASP A 215 -5.65 21.38 -7.02
CA ASP A 215 -4.60 21.77 -7.94
C ASP A 215 -3.21 21.39 -7.42
N HIS A 216 -2.52 20.55 -8.19
CA HIS A 216 -1.26 19.93 -7.75
C HIS A 216 -0.20 20.91 -7.34
N GLU A 217 -0.07 21.99 -8.06
CA GLU A 217 0.92 22.98 -7.72
C GLU A 217 0.59 23.81 -6.48
N LYS A 218 -0.69 23.78 -6.05
CA LYS A 218 -1.07 24.47 -4.83
C LYS A 218 -0.84 23.53 -3.67
N LEU A 219 -1.02 22.25 -3.96
CA LEU A 219 -0.81 21.17 -3.01
C LEU A 219 0.68 20.96 -2.74
N PHE A 220 1.50 20.98 -3.81
CA PHE A 220 2.97 20.90 -3.72
C PHE A 220 3.53 22.11 -2.96
N GLU A 221 2.93 23.27 -3.13
CA GLU A 221 3.39 24.42 -2.36
C GLU A 221 3.06 24.27 -0.85
N LEU A 222 1.86 23.82 -0.52
CA LEU A 222 1.53 23.50 0.88
C LEU A 222 2.55 22.47 1.52
N ILE A 223 2.79 21.39 0.80
CA ILE A 223 3.80 20.43 1.23
C ILE A 223 5.16 21.06 1.57
N LEU A 224 5.74 21.83 0.64
CA LEU A 224 7.06 22.38 0.91
C LEU A 224 7.04 23.53 1.92
N MET A 225 5.93 24.27 1.97
CA MET A 225 5.92 25.52 2.74
C MET A 225 5.22 25.51 4.12
N GLU A 226 4.17 24.69 4.36
CA GLU A 226 3.35 24.86 5.58
C GLU A 226 3.58 23.81 6.67
N GLU A 227 3.49 24.26 7.92
CA GLU A 227 3.48 23.35 9.07
C GLU A 227 2.14 22.73 9.09
N ILE A 228 2.09 21.48 9.55
CA ILE A 228 0.82 20.75 9.73
C ILE A 228 -0.01 21.34 10.87
N ARG A 229 -1.31 21.17 10.71
CA ARG A 229 -2.28 21.58 11.71
C ARG A 229 -2.64 20.40 12.56
N PHE A 230 -2.92 20.63 13.83
CA PHE A 230 -3.28 19.53 14.70
C PHE A 230 -4.66 19.67 15.36
N PRO A 231 -5.71 18.93 14.92
CA PRO A 231 -6.93 18.98 15.74
C PRO A 231 -6.67 18.90 17.28
N ARG A 232 -7.40 19.66 18.08
CA ARG A 232 -7.31 19.57 19.52
C ARG A 232 -7.81 18.26 20.14
N THR A 233 -8.27 17.32 19.34
CA THR A 233 -8.70 16.02 19.88
C THR A 233 -7.45 15.10 19.98
N LEU A 234 -6.39 15.44 19.26
CA LEU A 234 -5.18 14.62 19.16
C LEU A 234 -4.40 14.59 20.49
N GLY A 235 -4.26 13.41 21.10
CA GLY A 235 -3.37 13.20 22.26
C GLY A 235 -1.91 13.54 22.02
N PRO A 236 -1.16 13.77 23.11
CA PRO A 236 0.17 14.37 22.94
C PRO A 236 1.18 13.42 22.22
N GLU A 237 1.09 12.11 22.51
CA GLU A 237 1.88 11.05 21.87
C GLU A 237 1.66 10.93 20.34
N ALA A 238 0.41 11.02 19.93
CA ALA A 238 0.03 11.00 18.50
C ALA A 238 0.49 12.28 17.77
N LYS A 239 0.35 13.44 18.45
CA LYS A 239 0.80 14.77 17.97
C LYS A 239 2.27 14.68 17.66
N SER A 240 3.01 14.00 18.54
CA SER A 240 4.45 13.94 18.52
C SER A 240 4.93 13.01 17.38
N LEU A 241 4.23 11.93 17.20
CA LEU A 241 4.53 11.01 16.17
C LEU A 241 4.26 11.71 14.88
N LEU A 242 3.09 12.31 14.70
CA LEU A 242 2.78 12.90 13.39
C LEU A 242 3.79 14.02 13.04
N SER A 243 4.14 14.80 14.07
N SER A 243 4.10 14.84 14.03
CA SER A 243 5.17 15.87 13.99
CA SER A 243 5.15 15.85 13.88
C SER A 243 6.52 15.37 13.54
C SER A 243 6.38 15.19 13.33
N GLY A 244 6.92 14.22 14.08
CA GLY A 244 8.17 13.57 13.66
C GLY A 244 8.11 12.81 12.33
N LEU A 245 6.99 12.18 11.96
CA LEU A 245 6.98 11.46 10.70
C LEU A 245 6.91 12.44 9.54
N LEU A 246 6.41 13.63 9.81
CA LEU A 246 6.17 14.63 8.77
C LEU A 246 7.12 15.82 8.93
N LYS A 247 8.26 15.65 9.60
CA LYS A 247 9.37 16.64 9.47
C LYS A 247 9.72 16.68 7.99
N LYS A 248 9.90 17.88 7.44
CA LYS A 248 10.11 18.06 6.00
C LYS A 248 11.51 17.70 5.51
N ASP A 249 12.50 17.95 6.36
CA ASP A 249 13.86 17.48 6.10
C ASP A 249 14.00 16.01 6.56
N PRO A 250 14.25 15.11 5.60
CA PRO A 250 14.28 13.65 5.83
C PRO A 250 15.33 13.16 6.86
N LYS A 251 16.42 13.92 7.00
CA LYS A 251 17.45 13.74 8.04
C LYS A 251 16.90 13.95 9.44
N GLN A 252 15.94 14.85 9.55
CA GLN A 252 15.32 15.15 10.82
C GLN A 252 14.07 14.27 11.11
N ARG A 253 13.64 13.48 10.12
CA ARG A 253 12.38 12.75 10.21
C ARG A 253 12.61 11.50 11.09
N LEU A 254 11.60 11.14 11.86
CA LEU A 254 11.59 9.89 12.62
C LEU A 254 11.67 8.73 11.62
N GLY A 255 12.67 7.87 11.81
CA GLY A 255 12.97 6.73 10.91
C GLY A 255 13.98 7.12 9.84
N GLY A 256 14.43 8.37 9.90
CA GLY A 256 15.29 8.92 8.89
C GLY A 256 16.74 8.61 9.17
N GLY A 257 17.06 8.02 10.32
CA GLY A 257 18.46 7.78 10.62
C GLY A 257 18.83 6.37 10.25
N SER A 258 19.93 5.90 10.79
CA SER A 258 20.50 4.62 10.35
C SER A 258 19.66 3.48 10.96
N GLU A 259 18.93 3.76 12.07
CA GLU A 259 18.08 2.79 12.82
C GLU A 259 16.76 2.47 12.03
N ASP A 260 16.41 3.35 11.07
CA ASP A 260 15.26 3.13 10.20
C ASP A 260 14.00 2.85 11.02
N ALA A 261 13.24 1.77 10.71
CA ALA A 261 11.99 1.47 11.43
C ALA A 261 12.17 1.43 12.95
N LYS A 262 13.36 1.06 13.45
CA LYS A 262 13.59 0.89 14.88
C LYS A 262 13.35 2.18 15.63
N GLU A 263 13.62 3.31 15.02
CA GLU A 263 13.38 4.58 15.66
C GLU A 263 11.84 4.80 15.82
N ILE A 264 11.03 4.30 14.88
CA ILE A 264 9.58 4.43 14.97
C ILE A 264 9.00 3.48 16.04
N MET A 265 9.50 2.24 16.10
CA MET A 265 8.94 1.26 17.01
C MET A 265 9.16 1.69 18.47
N GLN A 266 10.13 2.54 18.71
CA GLN A 266 10.43 2.82 20.06
C GLN A 266 9.76 4.12 20.52
N HIS A 267 9.05 4.80 19.64
CA HIS A 267 8.38 6.04 19.98
C HIS A 267 7.24 5.74 20.97
N ARG A 268 6.95 6.68 21.86
CA ARG A 268 6.00 6.45 22.98
C ARG A 268 4.58 6.28 22.46
N PHE A 269 4.35 6.70 21.21
CA PHE A 269 3.05 6.38 20.61
C PHE A 269 2.84 4.85 20.63
N PHE A 270 3.89 4.08 20.34
CA PHE A 270 3.80 2.62 20.27
C PHE A 270 4.20 1.96 21.62
N ALA A 271 4.26 2.70 22.73
CA ALA A 271 4.60 2.03 24.02
C ALA A 271 3.75 0.78 24.29
N GLY A 272 4.33 -0.27 24.80
CA GLY A 272 3.46 -1.42 25.08
C GLY A 272 2.71 -1.99 23.87
N ILE A 273 3.33 -1.89 22.72
CA ILE A 273 3.00 -2.77 21.61
C ILE A 273 4.24 -3.67 21.56
N VAL A 274 4.02 -4.99 21.45
CA VAL A 274 5.14 -5.92 21.51
C VAL A 274 5.27 -6.29 20.07
N TRP A 275 6.41 -5.90 19.48
CA TRP A 275 6.63 -5.97 18.05
C TRP A 275 6.69 -7.38 17.47
N GLN A 276 7.14 -8.30 18.30
CA GLN A 276 7.23 -9.70 17.99
C GLN A 276 5.84 -10.27 17.84
N HIS A 277 4.91 -9.85 18.69
CA HIS A 277 3.47 -10.32 18.68
C HIS A 277 2.71 -9.71 17.52
N VAL A 278 2.88 -8.40 17.32
CA VAL A 278 2.54 -7.76 16.06
C VAL A 278 2.87 -8.70 14.86
N TYR A 279 4.15 -9.08 14.67
CA TYR A 279 4.59 -9.96 13.52
C TYR A 279 3.88 -11.33 13.51
N GLU A 280 3.75 -11.92 14.69
CA GLU A 280 3.19 -13.26 14.85
C GLU A 280 1.70 -13.23 14.88
N LYS A 281 1.12 -12.03 14.76
CA LYS A 281 -0.34 -11.82 14.64
C LYS A 281 -1.12 -12.19 15.88
N LYS A 282 -0.54 -11.94 17.05
CA LYS A 282 -1.23 -12.20 18.28
C LYS A 282 -1.94 -11.01 18.84
N LEU A 283 -1.92 -9.87 18.16
CA LEU A 283 -2.67 -8.72 18.67
C LEU A 283 -4.09 -8.88 18.10
N SER A 284 -5.09 -8.45 18.87
CA SER A 284 -6.52 -8.52 18.43
C SER A 284 -6.90 -7.39 17.53
N PRO A 285 -7.30 -7.73 16.28
CA PRO A 285 -7.68 -6.71 15.32
C PRO A 285 -8.83 -5.88 15.89
N PRO A 286 -8.76 -4.57 15.76
CA PRO A 286 -9.89 -3.90 16.38
C PRO A 286 -11.16 -3.89 15.54
N PHE A 287 -11.07 -4.28 14.26
CA PHE A 287 -12.27 -4.43 13.45
C PHE A 287 -12.16 -5.74 12.73
N LYS A 288 -13.11 -6.64 13.01
CA LYS A 288 -13.23 -7.89 12.27
C LYS A 288 -14.27 -7.74 11.13
N PRO A 289 -13.81 -7.82 9.86
CA PRO A 289 -14.73 -7.72 8.74
C PRO A 289 -15.91 -8.72 8.86
N GLN A 290 -17.15 -8.27 8.58
CA GLN A 290 -18.34 -9.10 8.73
C GLN A 290 -18.74 -9.68 7.38
N VAL A 291 -18.03 -10.71 6.94
CA VAL A 291 -18.36 -11.30 5.66
C VAL A 291 -19.14 -12.62 5.86
N THR A 292 -20.21 -12.82 5.09
CA THR A 292 -21.03 -14.01 5.22
C THR A 292 -20.48 -15.24 4.47
N SER A 293 -19.52 -15.04 3.58
CA SER A 293 -19.07 -16.10 2.65
C SER A 293 -17.80 -15.68 1.94
N GLU A 294 -17.19 -16.64 1.24
CA GLU A 294 -15.87 -16.43 0.69
C GLU A 294 -15.88 -15.33 -0.39
N THR A 295 -17.08 -15.03 -0.88
CA THR A 295 -17.32 -14.17 -2.06
C THR A 295 -18.23 -12.96 -1.77
N ASP A 296 -18.38 -12.62 -0.50
CA ASP A 296 -19.14 -11.45 -0.10
C ASP A 296 -18.31 -10.17 -0.33
N THR A 297 -18.50 -9.45 -1.45
CA THR A 297 -17.78 -8.18 -1.69
C THR A 297 -18.37 -6.90 -1.06
N ARG A 298 -18.96 -6.98 0.12
CA ARG A 298 -19.58 -5.79 0.72
C ARG A 298 -18.62 -4.58 1.04
N TYR A 299 -17.31 -4.80 1.11
CA TYR A 299 -16.37 -3.73 1.47
C TYR A 299 -15.69 -3.15 0.24
N PHE A 300 -16.24 -3.46 -0.93
CA PHE A 300 -15.74 -2.94 -2.19
C PHE A 300 -16.79 -2.02 -2.76
N ASP A 301 -16.39 -0.98 -3.48
CA ASP A 301 -17.37 0.00 -3.94
C ASP A 301 -18.24 -0.61 -5.01
N GLU A 302 -19.54 -0.37 -4.91
CA GLU A 302 -20.48 -0.88 -5.92
C GLU A 302 -20.25 -0.46 -7.38
N GLU A 303 -19.64 0.70 -7.56
CA GLU A 303 -19.20 1.24 -8.84
C GLU A 303 -18.49 0.17 -9.66
N PHE A 304 -17.74 -0.73 -8.98
CA PHE A 304 -17.02 -1.84 -9.61
C PHE A 304 -17.68 -3.22 -9.52
N THR A 305 -18.18 -3.61 -8.34
CA THR A 305 -18.77 -4.93 -8.16
C THR A 305 -20.09 -5.06 -8.90
N ALA A 306 -20.83 -3.96 -9.01
CA ALA A 306 -22.04 -3.96 -9.84
C ALA A 306 -21.68 -3.74 -11.33
N GLN A 307 -20.49 -4.14 -11.78
CA GLN A 307 -20.19 -4.14 -13.22
C GLN A 307 -20.12 -5.55 -13.73
N MET A 308 -20.65 -5.76 -14.93
CA MET A 308 -20.86 -7.09 -15.49
C MET A 308 -19.58 -7.57 -16.18
N ILE A 309 -19.33 -8.87 -16.22
CA ILE A 309 -18.01 -9.35 -16.70
C ILE A 309 -17.80 -9.58 -18.23
N ARG A 328 2.97 -6.02 -28.03
CA ARG A 328 2.59 -7.24 -27.30
C ARG A 328 3.69 -8.30 -27.12
N PRO A 329 4.84 -7.98 -26.50
CA PRO A 329 5.88 -9.00 -26.59
C PRO A 329 5.72 -10.19 -25.59
N HIS A 330 6.66 -11.12 -25.59
CA HIS A 330 6.75 -12.15 -24.55
C HIS A 330 7.55 -11.53 -23.40
N PHE A 331 7.15 -11.76 -22.15
CA PHE A 331 7.96 -11.28 -21.02
C PHE A 331 8.76 -12.47 -20.48
N PRO A 332 10.09 -12.46 -20.67
CA PRO A 332 10.82 -13.70 -20.42
C PRO A 332 10.76 -13.96 -18.94
N GLN A 333 10.50 -15.22 -18.58
CA GLN A 333 10.42 -15.69 -17.18
C GLN A 333 9.54 -14.85 -16.26
N PHE A 334 8.50 -14.27 -16.83
CA PHE A 334 7.40 -13.68 -16.06
C PHE A 334 6.71 -14.74 -15.19
N ASP A 335 6.48 -15.91 -15.79
CA ASP A 335 5.69 -16.99 -15.19
C ASP A 335 6.26 -17.48 -13.86
N TYR A 336 5.39 -17.71 -12.89
CA TYR A 336 5.86 -18.02 -11.56
C TYR A 336 4.78 -18.80 -10.84
N SER A 337 5.16 -19.51 -9.78
CA SER A 337 4.28 -20.49 -9.10
C SER A 337 4.78 -20.76 -7.68
N ALA A 338 3.96 -20.60 -6.65
CA ALA A 338 4.50 -20.78 -5.30
C ALA A 338 4.52 -22.25 -4.84
N SER A 339 3.42 -22.97 -5.08
CA SER A 339 2.99 -24.13 -4.23
C SER A 339 2.68 -23.60 -2.79
N GLY B 1 -14.00 10.89 2.46
CA GLY B 1 -14.46 12.16 1.81
C GLY B 1 -13.31 12.88 1.11
N ARG B 2 -12.41 12.14 0.48
CA ARG B 2 -11.48 12.82 -0.41
C ARG B 2 -11.53 11.93 -1.61
N PRO B 3 -11.53 12.54 -2.82
CA PRO B 3 -11.67 11.73 -4.02
C PRO B 3 -10.53 10.67 -4.08
N ARG B 4 -10.79 9.52 -4.71
CA ARG B 4 -9.74 8.54 -4.98
C ARG B 4 -8.63 9.17 -5.80
N THR B 5 -7.38 8.81 -5.45
CA THR B 5 -6.13 9.38 -5.97
C THR B 5 -5.54 8.47 -7.04
N THR B 6 -4.48 8.92 -7.69
CA THR B 6 -3.90 8.17 -8.77
C THR B 6 -2.37 8.08 -8.64
N SER B 7 -1.83 6.86 -8.67
CA SER B 7 -0.37 6.66 -8.78
C SER B 7 0.09 7.14 -10.17
N PHE B 8 1.34 7.63 -10.27
CA PHE B 8 1.98 8.07 -11.55
C PHE B 8 3.51 7.89 -11.38
N ALA B 9 4.25 8.01 -12.49
CA ALA B 9 5.69 8.33 -12.44
C ALA B 9 6.05 9.25 -13.65
N GLU B 10 6.82 10.34 -13.45
CA GLU B 10 7.44 11.05 -14.60
C GLU B 10 8.37 10.09 -15.33
#